data_9E21
#
_entry.id   9E21
#
_cell.length_a   1.00
_cell.length_b   1.00
_cell.length_c   1.00
_cell.angle_alpha   90.00
_cell.angle_beta   90.00
_cell.angle_gamma   90.00
#
_symmetry.space_group_name_H-M   'P 1'
#
loop_
_entity.id
_entity.type
_entity.pdbx_description
1 polymer '52 Fab Heavy chain'
2 polymer '52 Fab light chain'
3 polymer 'SARS XBB.1.5 Spike'
4 non-polymer 2-acetamido-2-deoxy-beta-D-glucopyranose
#
loop_
_entity_poly.entity_id
_entity_poly.type
_entity_poly.pdbx_seq_one_letter_code
_entity_poly.pdbx_strand_id
1 'polypeptide(L)'
;VQLVQSGGDLAPPGGSLRLSCEASGIIVSSNYMTWVRQAPGKGLEWVSLIFAGGSTFYADSVKGRFTVSRDNSKNTLYLQ
MSSLKPEDTAVYFCARDLREMGGLDFWGQGALVTVSS
;
H
2 'polypeptide(L)'
;IQMTQSPSSVSASIGDTVTITCRASQGIPSWVAWYQQKPGKAPKLLIYGASNLQRGVPSRFSGSGSGTDFTLTISSLQPE
DLAVYYCHQSDSLPGIFGGGTKVEIK
;
L
3 'polypeptide(L)'
;VRFPNITNLCPFHEVFNATTFASVYAWNRKRISNCVADYSVIYNFAPFFAFKCYGVSPTKLNDLCFTNVYADSFVIRGNE
VSQIAPGQTGNIADYNYKLPDDFTGCVIAWNSNKLDSKPSGNYNYLYRFLRKSKLKPFERDISTEIYQVGNKPCNGVAGP
NCYSPLQSYGFRPTYGVGHQPYRVVVLSFELLHAPATVCGP
;
S
#
loop_
_chem_comp.id
_chem_comp.type
_chem_comp.name
_chem_comp.formula
NAG D-saccharide, beta linking 2-acetamido-2-deoxy-beta-D-glucopyranose 'C8 H15 N O6'
#
# COMPACT_ATOMS: atom_id res chain seq x y z
N VAL A 1 -0.95 -0.60 -22.26
CA VAL A 1 -1.69 0.07 -23.32
C VAL A 1 -3.02 -0.64 -23.56
N GLN A 2 -2.98 -1.96 -23.65
CA GLN A 2 -4.18 -2.77 -23.90
C GLN A 2 -4.18 -3.97 -22.97
N LEU A 3 -5.38 -4.28 -22.44
CA LEU A 3 -5.58 -5.44 -21.57
C LEU A 3 -6.81 -6.19 -22.09
N VAL A 4 -6.58 -7.22 -22.90
CA VAL A 4 -7.66 -7.98 -23.51
C VAL A 4 -8.08 -9.09 -22.55
N GLN A 5 -9.36 -9.14 -22.24
CA GLN A 5 -9.90 -10.07 -21.25
C GLN A 5 -10.63 -11.21 -21.94
N SER A 6 -10.49 -12.41 -21.38
CA SER A 6 -11.11 -13.61 -21.93
C SER A 6 -11.58 -14.49 -20.78
N GLY A 7 -12.61 -15.28 -21.06
CA GLY A 7 -13.21 -16.17 -20.07
C GLY A 7 -14.52 -15.64 -19.55
N GLY A 8 -15.16 -16.45 -18.71
CA GLY A 8 -16.43 -16.08 -18.12
C GLY A 8 -17.60 -16.82 -18.72
N ASP A 9 -18.23 -17.67 -17.91
CA ASP A 9 -19.37 -18.46 -18.36
C ASP A 9 -20.16 -18.90 -17.14
N LEU A 10 -21.27 -19.58 -17.39
CA LEU A 10 -22.11 -20.07 -16.31
C LEU A 10 -21.40 -21.21 -15.58
N ALA A 11 -21.43 -21.16 -14.25
CA ALA A 11 -20.81 -22.19 -13.42
C ALA A 11 -21.79 -22.63 -12.33
N PRO A 12 -21.68 -23.88 -11.89
CA PRO A 12 -22.52 -24.36 -10.79
C PRO A 12 -22.13 -23.68 -9.48
N PRO A 13 -22.90 -23.88 -8.41
CA PRO A 13 -22.54 -23.28 -7.11
C PRO A 13 -21.24 -23.81 -6.52
N GLY A 14 -20.53 -24.71 -7.19
CA GLY A 14 -19.27 -25.20 -6.69
C GLY A 14 -18.22 -25.30 -7.78
N GLY A 15 -18.53 -24.75 -8.96
CA GLY A 15 -17.63 -24.85 -10.09
C GLY A 15 -16.39 -23.98 -9.93
N SER A 16 -15.43 -24.24 -10.80
CA SER A 16 -14.16 -23.52 -10.83
C SER A 16 -13.97 -22.90 -12.21
N LEU A 17 -13.60 -21.63 -12.25
CA LEU A 17 -13.43 -20.91 -13.51
C LEU A 17 -12.06 -20.23 -13.53
N ARG A 18 -11.64 -19.81 -14.71
CA ARG A 18 -10.38 -19.10 -14.87
C ARG A 18 -10.58 -17.97 -15.88
N LEU A 19 -10.34 -16.74 -15.44
CA LEU A 19 -10.41 -15.57 -16.30
C LEU A 19 -9.00 -15.07 -16.59
N SER A 20 -8.75 -14.72 -17.85
CA SER A 20 -7.41 -14.35 -18.30
C SER A 20 -7.40 -12.94 -18.86
N CYS A 21 -6.26 -12.29 -18.74
CA CYS A 21 -6.06 -10.94 -19.28
C CYS A 21 -4.68 -10.87 -19.91
N GLU A 22 -4.63 -10.67 -21.22
CA GLU A 22 -3.38 -10.54 -21.95
C GLU A 22 -3.04 -9.05 -22.11
N ALA A 23 -1.82 -8.69 -21.74
CA ALA A 23 -1.38 -7.31 -21.72
C ALA A 23 -0.47 -7.02 -22.90
N SER A 24 -0.74 -5.94 -23.61
CA SER A 24 0.09 -5.46 -24.71
C SER A 24 0.47 -4.02 -24.43
N GLY A 25 1.78 -3.73 -24.46
CA GLY A 25 2.30 -2.42 -24.16
C GLY A 25 2.86 -2.28 -22.76
N ILE A 26 2.54 -3.23 -21.87
CA ILE A 26 3.06 -3.21 -20.51
C ILE A 26 3.56 -4.61 -20.16
N ILE A 27 4.37 -4.69 -19.12
CA ILE A 27 4.90 -5.95 -18.61
C ILE A 27 4.17 -6.28 -17.32
N VAL A 28 3.48 -7.42 -17.32
CA VAL A 28 2.74 -7.83 -16.13
C VAL A 28 3.70 -8.12 -14.98
N SER A 29 4.93 -8.53 -15.30
CA SER A 29 5.92 -8.84 -14.27
C SER A 29 6.33 -7.62 -13.47
N SER A 30 6.27 -6.43 -14.05
CA SER A 30 6.77 -5.21 -13.44
C SER A 30 5.68 -4.29 -12.92
N ASN A 31 4.43 -4.74 -12.89
CA ASN A 31 3.31 -3.88 -12.51
C ASN A 31 2.45 -4.56 -11.46
N TYR A 32 1.81 -3.74 -10.63
CA TYR A 32 0.73 -4.21 -9.78
C TYR A 32 -0.50 -4.53 -10.64
N MET A 33 -1.13 -5.65 -10.35
CA MET A 33 -2.34 -6.05 -11.07
C MET A 33 -3.50 -6.17 -10.08
N THR A 34 -4.67 -5.68 -10.48
CA THR A 34 -5.84 -5.69 -9.62
C THR A 34 -7.01 -6.35 -10.33
N TRP A 35 -7.80 -7.10 -9.57
CA TRP A 35 -9.08 -7.63 -10.01
C TRP A 35 -10.16 -6.98 -9.17
N VAL A 36 -11.09 -6.30 -9.83
CA VAL A 36 -12.18 -5.58 -9.18
C VAL A 36 -13.49 -6.03 -9.81
N ARG A 37 -14.44 -6.45 -8.98
CA ARG A 37 -15.72 -6.93 -9.49
C ARG A 37 -16.82 -5.93 -9.20
N GLN A 38 -17.83 -5.93 -10.06
CA GLN A 38 -19.03 -5.12 -9.89
C GLN A 38 -20.23 -6.06 -9.97
N ALA A 39 -21.00 -6.11 -8.88
CA ALA A 39 -22.22 -6.89 -8.88
C ALA A 39 -23.27 -6.22 -9.77
N PRO A 40 -24.22 -6.99 -10.29
CA PRO A 40 -25.27 -6.38 -11.14
C PRO A 40 -26.10 -5.37 -10.37
N GLY A 41 -25.99 -4.10 -10.76
CA GLY A 41 -26.72 -3.03 -10.10
C GLY A 41 -26.08 -2.49 -8.84
N LYS A 42 -24.88 -2.96 -8.48
CA LYS A 42 -24.18 -2.51 -7.28
C LYS A 42 -22.91 -1.76 -7.66
N GLY A 43 -22.15 -1.37 -6.63
CA GLY A 43 -20.96 -0.58 -6.83
C GLY A 43 -19.71 -1.43 -7.05
N LEU A 44 -18.59 -0.73 -7.23
CA LEU A 44 -17.32 -1.39 -7.47
C LEU A 44 -16.76 -1.95 -6.17
N GLU A 45 -16.30 -3.20 -6.23
CA GLU A 45 -15.77 -3.91 -5.06
C GLU A 45 -14.41 -4.49 -5.40
N TRP A 46 -13.44 -4.26 -4.52
CA TRP A 46 -12.09 -4.75 -4.74
C TRP A 46 -11.99 -6.22 -4.37
N VAL A 47 -11.42 -7.03 -5.26
CA VAL A 47 -11.34 -8.48 -5.09
C VAL A 47 -9.91 -8.92 -4.80
N SER A 48 -8.98 -8.64 -5.70
CA SER A 48 -7.64 -9.19 -5.57
C SER A 48 -6.60 -8.18 -6.05
N LEU A 49 -5.38 -8.37 -5.57
CA LEU A 49 -4.25 -7.53 -5.97
C LEU A 49 -2.97 -8.34 -5.88
N ILE A 50 -2.30 -8.52 -7.02
CA ILE A 50 -1.00 -9.17 -7.06
C ILE A 50 0.08 -8.11 -7.29
N PHE A 51 1.24 -8.31 -6.67
CA PHE A 51 2.34 -7.38 -6.73
C PHE A 51 3.29 -7.74 -7.87
N ALA A 52 4.28 -6.88 -8.08
CA ALA A 52 5.33 -7.21 -9.05
C ALA A 52 6.19 -8.35 -8.55
N GLY A 53 6.51 -8.38 -7.25
CA GLY A 53 7.31 -9.46 -6.71
C GLY A 53 6.58 -10.79 -6.74
N GLY A 54 5.30 -10.81 -6.39
CA GLY A 54 4.54 -12.03 -6.40
C GLY A 54 3.59 -12.18 -5.23
N SER A 55 3.61 -11.21 -4.32
CA SER A 55 2.74 -11.26 -3.15
C SER A 55 1.30 -10.99 -3.56
N THR A 56 0.37 -11.80 -3.05
CA THR A 56 -1.03 -11.72 -3.41
C THR A 56 -1.86 -11.32 -2.20
N PHE A 57 -2.86 -10.46 -2.44
CA PHE A 57 -3.79 -10.03 -1.41
C PHE A 57 -5.21 -10.17 -1.95
N TYR A 58 -6.13 -10.59 -1.08
CA TYR A 58 -7.51 -10.83 -1.46
C TYR A 58 -8.44 -10.18 -0.46
N ALA A 59 -9.71 -10.07 -0.85
CA ALA A 59 -10.73 -9.56 0.06
C ALA A 59 -11.10 -10.62 1.09
N ASP A 60 -11.81 -10.18 2.13
CA ASP A 60 -12.20 -11.10 3.20
C ASP A 60 -13.14 -12.19 2.70
N SER A 61 -14.02 -11.86 1.75
CA SER A 61 -14.97 -12.85 1.25
C SER A 61 -14.32 -13.86 0.31
N VAL A 62 -13.31 -13.45 -0.46
CA VAL A 62 -12.73 -14.32 -1.47
C VAL A 62 -11.44 -14.98 -1.01
N LYS A 63 -10.97 -14.68 0.20
CA LYS A 63 -9.75 -15.30 0.70
C LYS A 63 -9.98 -16.78 0.95
N GLY A 64 -9.03 -17.61 0.50
CA GLY A 64 -9.14 -19.05 0.63
C GLY A 64 -9.85 -19.73 -0.52
N ARG A 65 -10.45 -18.97 -1.44
CA ARG A 65 -11.16 -19.53 -2.58
C ARG A 65 -10.65 -19.04 -3.93
N PHE A 66 -10.12 -17.83 -4.00
CA PHE A 66 -9.66 -17.23 -5.25
C PHE A 66 -8.14 -17.16 -5.24
N THR A 67 -7.55 -17.36 -6.42
CA THR A 67 -6.09 -17.30 -6.56
C THR A 67 -5.74 -16.48 -7.78
N VAL A 68 -4.96 -15.42 -7.59
CA VAL A 68 -4.46 -14.60 -8.68
C VAL A 68 -3.08 -15.12 -9.09
N SER A 69 -2.89 -15.32 -10.39
CA SER A 69 -1.68 -15.90 -10.93
C SER A 69 -1.19 -15.05 -12.10
N ARG A 70 0.07 -15.28 -12.48
CA ARG A 70 0.68 -14.53 -13.57
C ARG A 70 1.56 -15.47 -14.39
N ASP A 71 1.31 -15.54 -15.69
CA ASP A 71 2.15 -16.28 -16.62
C ASP A 71 2.99 -15.28 -17.39
N ASN A 72 4.32 -15.49 -17.35
CA ASN A 72 5.24 -14.50 -17.89
C ASN A 72 5.50 -14.70 -19.37
N SER A 73 5.50 -15.94 -19.86
CA SER A 73 5.77 -16.19 -21.26
C SER A 73 4.69 -15.60 -22.15
N LYS A 74 3.43 -15.73 -21.76
CA LYS A 74 2.31 -15.19 -22.52
C LYS A 74 1.90 -13.80 -22.06
N ASN A 75 2.56 -13.26 -21.03
CA ASN A 75 2.24 -11.94 -20.48
C ASN A 75 0.76 -11.86 -20.11
N THR A 76 0.32 -12.81 -19.28
CA THR A 76 -1.09 -12.95 -18.98
C THR A 76 -1.30 -12.98 -17.47
N LEU A 77 -2.42 -12.42 -17.03
CA LEU A 77 -2.83 -12.42 -15.63
C LEU A 77 -4.10 -13.25 -15.48
N TYR A 78 -4.07 -14.21 -14.56
CA TYR A 78 -5.17 -15.14 -14.36
C TYR A 78 -5.84 -14.92 -13.02
N LEU A 79 -7.15 -15.10 -13.00
CA LEU A 79 -7.92 -15.23 -11.75
C LEU A 79 -8.60 -16.58 -11.76
N GLN A 80 -8.27 -17.42 -10.79
CA GLN A 80 -8.81 -18.76 -10.66
C GLN A 80 -9.79 -18.78 -9.50
N MET A 81 -11.04 -19.16 -9.81
CA MET A 81 -12.13 -19.25 -8.84
C MET A 81 -12.37 -20.73 -8.58
N SER A 82 -11.85 -21.22 -7.44
CA SER A 82 -11.98 -22.63 -7.12
C SER A 82 -13.39 -22.95 -6.63
N SER A 83 -13.82 -22.30 -5.55
CA SER A 83 -15.14 -22.49 -4.99
C SER A 83 -15.97 -21.24 -5.25
N LEU A 84 -17.16 -21.41 -5.80
CA LEU A 84 -18.03 -20.30 -6.18
C LEU A 84 -19.24 -20.26 -5.26
N LYS A 85 -20.04 -19.21 -5.45
CA LYS A 85 -21.21 -18.94 -4.61
C LYS A 85 -22.15 -18.05 -5.41
N PRO A 86 -23.43 -18.00 -5.03
CA PRO A 86 -24.36 -17.08 -5.72
C PRO A 86 -23.96 -15.62 -5.60
N GLU A 87 -23.13 -15.27 -4.63
CA GLU A 87 -22.69 -13.89 -4.46
C GLU A 87 -21.53 -13.52 -5.37
N ASP A 88 -20.92 -14.48 -6.05
CA ASP A 88 -19.80 -14.22 -6.94
C ASP A 88 -20.23 -13.82 -8.34
N THR A 89 -21.53 -13.79 -8.62
CA THR A 89 -22.03 -13.37 -9.92
C THR A 89 -21.78 -11.89 -10.10
N ALA A 90 -20.85 -11.53 -11.00
CA ALA A 90 -20.48 -10.14 -11.16
C ALA A 90 -19.69 -9.99 -12.45
N VAL A 91 -19.28 -8.76 -12.73
CA VAL A 91 -18.41 -8.43 -13.86
C VAL A 91 -17.05 -8.08 -13.31
N TYR A 92 -16.03 -8.84 -13.72
CA TYR A 92 -14.68 -8.72 -13.19
C TYR A 92 -13.81 -7.93 -14.17
N PHE A 93 -12.99 -7.04 -13.61
CA PHE A 93 -12.11 -6.17 -14.37
C PHE A 93 -10.69 -6.36 -13.89
N CYS A 94 -9.77 -6.56 -14.83
CA CYS A 94 -8.35 -6.59 -14.56
C CYS A 94 -7.75 -5.23 -14.91
N ALA A 95 -6.98 -4.67 -13.98
CA ALA A 95 -6.48 -3.31 -14.13
C ALA A 95 -5.02 -3.22 -13.75
N ARG A 96 -4.28 -2.42 -14.49
CA ARG A 96 -2.91 -2.08 -14.13
C ARG A 96 -2.94 -1.01 -13.06
N ASP A 97 -2.32 -1.28 -11.92
CA ASP A 97 -2.34 -0.37 -10.79
C ASP A 97 -1.08 0.47 -10.77
N LEU A 98 -1.25 1.77 -10.53
CA LEU A 98 -0.16 2.72 -10.46
C LEU A 98 -0.25 3.47 -9.14
N ARG A 99 -0.36 2.70 -8.05
CA ARG A 99 -0.75 3.21 -6.75
C ARG A 99 -0.01 4.49 -6.39
N GLU A 100 -0.76 5.47 -5.89
CA GLU A 100 -0.27 6.76 -5.41
C GLU A 100 0.25 7.64 -6.53
N MET A 101 0.33 7.11 -7.75
CA MET A 101 0.73 7.88 -8.92
C MET A 101 -0.15 7.51 -10.12
N GLY A 102 -1.45 7.36 -9.88
CA GLY A 102 -2.37 7.09 -10.96
C GLY A 102 -3.43 6.06 -10.64
N GLY A 103 -3.10 5.09 -9.80
CA GLY A 103 -4.06 4.05 -9.50
C GLY A 103 -4.38 3.23 -10.73
N LEU A 104 -5.62 2.78 -10.82
CA LEU A 104 -6.07 1.91 -11.92
C LEU A 104 -6.24 2.76 -13.18
N ASP A 105 -5.15 2.85 -13.94
CA ASP A 105 -5.14 3.70 -15.14
C ASP A 105 -5.55 2.95 -16.40
N PHE A 106 -5.31 1.64 -16.46
CA PHE A 106 -5.68 0.83 -17.62
C PHE A 106 -6.54 -0.33 -17.16
N TRP A 107 -7.67 -0.53 -17.85
CA TRP A 107 -8.68 -1.49 -17.48
C TRP A 107 -8.93 -2.46 -18.64
N GLY A 108 -9.30 -3.69 -18.28
CA GLY A 108 -9.83 -4.62 -19.26
C GLY A 108 -11.31 -4.40 -19.50
N GLN A 109 -11.83 -5.13 -20.48
CA GLN A 109 -13.23 -4.94 -20.86
C GLN A 109 -14.20 -5.57 -19.85
N GLY A 110 -13.77 -6.58 -19.09
CA GLY A 110 -14.63 -7.20 -18.11
C GLY A 110 -15.16 -8.55 -18.53
N ALA A 111 -15.21 -9.49 -17.60
CA ALA A 111 -15.72 -10.83 -17.84
C ALA A 111 -16.86 -11.10 -16.85
N LEU A 112 -17.98 -11.60 -17.37
CA LEU A 112 -19.18 -11.78 -16.57
C LEU A 112 -19.26 -13.21 -16.08
N VAL A 113 -19.45 -13.38 -14.77
CA VAL A 113 -19.54 -14.68 -14.13
C VAL A 113 -20.89 -14.80 -13.46
N THR A 114 -21.65 -15.83 -13.83
CA THR A 114 -22.94 -16.15 -13.23
C THR A 114 -22.86 -17.53 -12.59
N VAL A 115 -23.36 -17.63 -11.36
CA VAL A 115 -23.28 -18.86 -10.58
C VAL A 115 -24.70 -19.28 -10.23
N SER A 116 -25.28 -20.17 -11.04
CA SER A 116 -26.61 -20.69 -10.80
C SER A 116 -26.80 -21.92 -11.67
N SER A 117 -27.75 -22.77 -11.25
CA SER A 117 -28.09 -24.01 -11.95
C SER A 117 -26.87 -24.83 -12.35
N ILE B 1 -10.35 5.21 6.62
CA ILE B 1 -10.71 3.99 5.91
C ILE B 1 -11.97 4.21 5.09
N GLN B 2 -13.11 4.38 5.76
CA GLN B 2 -14.38 4.54 5.05
C GLN B 2 -14.36 5.80 4.20
N MET B 3 -14.97 5.72 3.02
CA MET B 3 -15.00 6.81 2.06
C MET B 3 -16.45 7.03 1.62
N THR B 4 -17.17 7.89 2.34
CA THR B 4 -18.54 8.19 1.98
C THR B 4 -18.59 9.19 0.83
N GLN B 5 -19.67 9.15 0.08
CA GLN B 5 -19.84 9.99 -1.10
C GLN B 5 -21.23 10.59 -1.11
N SER B 6 -21.36 11.72 -1.81
CA SER B 6 -22.66 12.32 -2.00
C SER B 6 -23.56 11.36 -2.78
N PRO B 7 -24.87 11.40 -2.54
CA PRO B 7 -25.76 10.42 -3.17
C PRO B 7 -25.84 10.62 -4.68
N SER B 8 -26.42 9.61 -5.34
CA SER B 8 -26.55 9.60 -6.78
C SER B 8 -27.66 10.52 -7.29
N SER B 9 -28.25 11.33 -6.42
CA SER B 9 -29.33 12.25 -6.82
C SER B 9 -28.76 13.55 -7.34
N VAL B 10 -28.02 13.44 -8.44
CA VAL B 10 -27.43 14.60 -9.13
C VAL B 10 -28.03 14.66 -10.53
N SER B 11 -28.76 15.74 -10.81
CA SER B 11 -29.42 15.93 -12.09
C SER B 11 -29.26 17.40 -12.47
N ALA B 12 -28.49 17.66 -13.52
CA ALA B 12 -28.19 19.02 -13.93
C ALA B 12 -28.36 19.17 -15.44
N SER B 13 -28.63 20.41 -15.85
CA SER B 13 -28.81 20.71 -17.26
C SER B 13 -27.46 20.76 -17.98
N ILE B 14 -27.51 20.84 -19.31
CA ILE B 14 -26.31 20.86 -20.11
C ILE B 14 -25.60 22.19 -19.91
N GLY B 15 -24.32 22.14 -19.53
CA GLY B 15 -23.53 23.33 -19.28
C GLY B 15 -23.42 23.71 -17.82
N ASP B 16 -24.21 23.10 -16.94
CA ASP B 16 -24.16 23.41 -15.53
C ASP B 16 -22.93 22.80 -14.88
N THR B 17 -22.48 23.44 -13.79
CA THR B 17 -21.35 22.96 -13.02
C THR B 17 -21.83 21.93 -12.00
N VAL B 18 -21.17 20.77 -11.95
CA VAL B 18 -21.55 19.67 -11.09
C VAL B 18 -20.41 19.37 -10.13
N THR B 19 -20.72 19.31 -8.84
CA THR B 19 -19.74 19.01 -7.80
C THR B 19 -20.12 17.70 -7.11
N ILE B 20 -19.14 16.81 -6.99
CA ILE B 20 -19.31 15.53 -6.28
C ILE B 20 -18.29 15.49 -5.16
N THR B 21 -18.77 15.25 -3.94
CA THR B 21 -17.95 15.37 -2.74
C THR B 21 -17.70 14.01 -2.12
N CYS B 22 -16.47 13.80 -1.64
CA CYS B 22 -16.08 12.59 -0.94
C CYS B 22 -15.57 12.96 0.43
N ARG B 23 -15.99 12.20 1.45
CA ARG B 23 -15.63 12.45 2.83
C ARG B 23 -15.07 11.17 3.44
N ALA B 24 -13.81 11.22 3.86
CA ALA B 24 -13.19 10.09 4.54
C ALA B 24 -13.54 10.10 6.02
N SER B 25 -13.61 8.91 6.61
CA SER B 25 -13.90 8.80 8.04
C SER B 25 -12.80 9.46 8.86
N GLN B 26 -11.55 9.23 8.50
CA GLN B 26 -10.40 9.87 9.12
C GLN B 26 -9.55 10.53 8.05
N GLY B 27 -8.76 11.51 8.46
CA GLY B 27 -7.90 12.24 7.55
C GLY B 27 -6.92 11.35 6.80
N ILE B 28 -6.86 11.51 5.48
CA ILE B 28 -5.96 10.71 4.66
C ILE B 28 -5.20 11.64 3.73
N PRO B 29 -4.02 11.23 3.27
CA PRO B 29 -3.27 12.05 2.32
C PRO B 29 -4.05 12.24 1.02
N SER B 30 -3.58 13.19 0.22
CA SER B 30 -4.24 13.56 -1.04
C SER B 30 -3.84 12.57 -2.13
N TRP B 31 -4.26 11.32 -1.94
CA TRP B 31 -4.01 10.23 -2.88
C TRP B 31 -5.32 9.58 -3.30
N VAL B 32 -6.32 10.41 -3.59
CA VAL B 32 -7.65 9.95 -3.94
C VAL B 32 -7.82 10.07 -5.45
N ALA B 33 -8.27 8.99 -6.07
CA ALA B 33 -8.49 8.92 -7.51
C ALA B 33 -9.98 8.91 -7.82
N TRP B 34 -10.32 9.42 -8.99
CA TRP B 34 -11.70 9.50 -9.46
C TRP B 34 -11.85 8.68 -10.73
N TYR B 35 -12.98 7.98 -10.85
CA TYR B 35 -13.22 7.09 -11.97
C TYR B 35 -14.60 7.35 -12.56
N GLN B 36 -14.70 7.24 -13.88
CA GLN B 36 -15.93 7.49 -14.62
C GLN B 36 -16.31 6.22 -15.37
N GLN B 37 -17.47 5.66 -15.01
CA GLN B 37 -17.93 4.41 -15.61
C GLN B 37 -19.25 4.66 -16.34
N LYS B 38 -19.24 4.43 -17.65
CA LYS B 38 -20.45 4.48 -18.44
C LYS B 38 -21.12 3.11 -18.44
N PRO B 39 -22.43 3.06 -18.68
CA PRO B 39 -23.14 1.77 -18.64
C PRO B 39 -22.55 0.77 -19.63
N GLY B 40 -22.27 -0.43 -19.13
CA GLY B 40 -21.71 -1.48 -19.97
C GLY B 40 -20.27 -1.28 -20.37
N LYS B 41 -19.52 -0.47 -19.63
CA LYS B 41 -18.12 -0.20 -19.96
C LYS B 41 -17.29 -0.21 -18.69
N ALA B 42 -15.99 -0.43 -18.88
CA ALA B 42 -15.06 -0.42 -17.76
C ALA B 42 -14.84 1.01 -17.26
N PRO B 43 -14.54 1.18 -15.98
CA PRO B 43 -14.27 2.53 -15.45
C PRO B 43 -13.06 3.15 -16.11
N LYS B 44 -13.09 4.47 -16.23
CA LYS B 44 -12.01 5.25 -16.83
C LYS B 44 -11.46 6.21 -15.81
N LEU B 45 -10.14 6.18 -15.61
CA LEU B 45 -9.50 7.08 -14.66
C LEU B 45 -9.60 8.52 -15.13
N LEU B 46 -9.92 9.42 -14.20
CA LEU B 46 -10.07 10.84 -14.50
C LEU B 46 -9.01 11.70 -13.82
N ILE B 47 -8.92 11.63 -12.49
CA ILE B 47 -7.99 12.46 -11.73
C ILE B 47 -7.33 11.59 -10.67
N TYR B 48 -6.00 11.64 -10.60
CA TYR B 48 -5.23 10.94 -9.59
C TYR B 48 -4.49 11.95 -8.73
N GLY B 49 -4.27 11.58 -7.46
CA GLY B 49 -3.66 12.52 -6.53
C GLY B 49 -4.57 13.64 -6.10
N ALA B 50 -5.86 13.56 -6.44
CA ALA B 50 -6.91 14.49 -6.03
C ALA B 50 -6.80 15.84 -6.71
N SER B 51 -5.73 16.08 -7.46
CA SER B 51 -5.59 17.35 -8.17
C SER B 51 -4.94 17.25 -9.55
N ASN B 52 -4.58 16.06 -10.02
CA ASN B 52 -3.84 15.91 -11.26
C ASN B 52 -4.74 15.34 -12.35
N LEU B 53 -4.80 16.03 -13.49
CA LEU B 53 -5.68 15.64 -14.58
C LEU B 53 -5.01 14.55 -15.41
N GLN B 54 -5.76 13.49 -15.70
CA GLN B 54 -5.25 12.40 -16.52
C GLN B 54 -5.11 12.85 -17.97
N ARG B 55 -4.09 12.33 -18.65
CA ARG B 55 -3.88 12.64 -20.06
C ARG B 55 -5.03 12.11 -20.89
N GLY B 56 -5.48 12.92 -21.85
CA GLY B 56 -6.61 12.56 -22.68
C GLY B 56 -7.96 12.83 -22.08
N VAL B 57 -8.02 13.41 -20.88
CA VAL B 57 -9.27 13.73 -20.20
C VAL B 57 -9.54 15.21 -20.40
N PRO B 58 -10.77 15.61 -20.74
CA PRO B 58 -11.04 17.04 -20.95
C PRO B 58 -10.78 17.87 -19.70
N SER B 59 -10.40 19.13 -19.93
CA SER B 59 -10.04 20.02 -18.83
C SER B 59 -11.21 20.39 -17.94
N ARG B 60 -12.44 20.06 -18.34
CA ARG B 60 -13.61 20.39 -17.53
C ARG B 60 -13.64 19.62 -16.22
N PHE B 61 -12.86 18.55 -16.09
CA PHE B 61 -12.79 17.80 -14.84
C PHE B 61 -11.67 18.36 -13.98
N SER B 62 -12.03 18.90 -12.82
CA SER B 62 -11.06 19.49 -11.90
C SER B 62 -11.23 18.86 -10.53
N GLY B 63 -10.12 18.44 -9.92
CA GLY B 63 -10.13 17.83 -8.60
C GLY B 63 -9.49 18.77 -7.59
N SER B 64 -10.05 18.80 -6.38
CA SER B 64 -9.50 19.64 -5.33
C SER B 64 -9.90 19.08 -3.98
N GLY B 65 -8.95 19.03 -3.06
CA GLY B 65 -9.28 18.56 -1.72
C GLY B 65 -8.10 18.25 -0.84
N SER B 66 -8.38 18.06 0.45
CA SER B 66 -7.35 17.74 1.43
C SER B 66 -8.02 17.14 2.65
N GLY B 67 -7.20 16.48 3.48
CA GLY B 67 -7.67 15.95 4.75
C GLY B 67 -8.80 14.96 4.61
N THR B 68 -10.00 15.38 5.02
CA THR B 68 -11.19 14.54 4.96
C THR B 68 -12.13 14.91 3.83
N ASP B 69 -11.89 16.01 3.12
CA ASP B 69 -12.84 16.49 2.12
C ASP B 69 -12.16 16.54 0.75
N PHE B 70 -12.77 15.87 -0.23
CA PHE B 70 -12.29 15.87 -1.60
C PHE B 70 -13.45 16.18 -2.53
N THR B 71 -13.15 16.77 -3.69
CA THR B 71 -14.19 17.24 -4.58
C THR B 71 -13.78 17.05 -6.04
N LEU B 72 -14.72 16.53 -6.83
CA LEU B 72 -14.62 16.47 -8.27
C LEU B 72 -15.60 17.49 -8.85
N THR B 73 -15.17 18.23 -9.87
CA THR B 73 -15.98 19.27 -10.46
C THR B 73 -15.99 19.13 -11.98
N ILE B 74 -17.19 19.07 -12.55
CA ILE B 74 -17.39 19.17 -13.98
C ILE B 74 -17.86 20.58 -14.27
N SER B 75 -16.99 21.38 -14.90
CA SER B 75 -17.29 22.79 -15.13
C SER B 75 -18.49 22.96 -16.04
N SER B 76 -18.54 22.19 -17.13
CA SER B 76 -19.67 22.21 -18.06
C SER B 76 -20.14 20.78 -18.26
N LEU B 77 -21.43 20.54 -17.97
CA LEU B 77 -21.99 19.20 -18.04
C LEU B 77 -22.44 18.92 -19.48
N GLN B 78 -21.47 18.55 -20.31
CA GLN B 78 -21.76 18.12 -21.66
C GLN B 78 -22.51 16.79 -21.63
N PRO B 79 -23.27 16.49 -22.69
CA PRO B 79 -24.09 15.26 -22.66
C PRO B 79 -23.29 13.97 -22.55
N GLU B 80 -21.98 13.99 -22.81
CA GLU B 80 -21.15 12.79 -22.70
C GLU B 80 -20.81 12.44 -21.26
N ASP B 81 -21.39 13.12 -20.27
CA ASP B 81 -21.06 12.89 -18.86
C ASP B 81 -22.22 12.26 -18.10
N LEU B 82 -22.93 11.34 -18.74
CA LEU B 82 -23.97 10.55 -18.06
C LEU B 82 -23.33 9.24 -17.64
N ALA B 83 -22.66 9.26 -16.49
CA ALA B 83 -21.91 8.11 -16.02
C ALA B 83 -21.84 8.14 -14.51
N VAL B 84 -21.43 7.01 -13.93
CA VAL B 84 -21.28 6.89 -12.49
C VAL B 84 -19.84 7.23 -12.11
N TYR B 85 -19.68 8.06 -11.10
CA TYR B 85 -18.37 8.56 -10.69
C TYR B 85 -18.00 7.98 -9.33
N TYR B 86 -16.84 7.33 -9.27
CA TYR B 86 -16.38 6.62 -8.10
C TYR B 86 -15.13 7.28 -7.54
N CYS B 87 -15.02 7.27 -6.21
CA CYS B 87 -13.82 7.70 -5.50
C CYS B 87 -13.07 6.47 -5.00
N HIS B 88 -11.74 6.57 -4.98
CA HIS B 88 -10.93 5.41 -4.61
C HIS B 88 -9.67 5.88 -3.92
N GLN B 89 -9.44 5.41 -2.69
CA GLN B 89 -8.19 5.66 -2.00
C GLN B 89 -7.10 4.81 -2.65
N SER B 90 -6.18 5.47 -3.35
CA SER B 90 -5.21 4.77 -4.19
C SER B 90 -4.15 4.02 -3.40
N ASP B 91 -4.04 4.23 -2.09
CA ASP B 91 -3.02 3.60 -1.28
C ASP B 91 -3.64 2.70 -0.21
N SER B 92 -4.66 1.95 -0.59
CA SER B 92 -5.34 1.03 0.32
C SER B 92 -5.05 -0.40 -0.12
N LEU B 93 -4.42 -1.17 0.77
CA LEU B 93 -4.19 -2.59 0.46
C LEU B 93 -5.49 -3.34 0.26
N PRO B 94 -6.50 -3.21 1.13
CA PRO B 94 -7.86 -3.60 0.72
C PRO B 94 -8.52 -2.42 0.02
N GLY B 95 -8.86 -2.60 -1.25
CA GLY B 95 -9.41 -1.51 -2.04
C GLY B 95 -10.67 -0.91 -1.44
N ILE B 96 -10.73 0.42 -1.40
CA ILE B 96 -11.82 1.14 -0.76
C ILE B 96 -12.49 1.99 -1.82
N PHE B 97 -13.60 1.51 -2.37
CA PHE B 97 -14.36 2.22 -3.39
C PHE B 97 -15.62 2.80 -2.75
N GLY B 98 -15.76 4.11 -2.82
CA GLY B 98 -16.98 4.75 -2.33
C GLY B 98 -18.13 4.54 -3.29
N GLY B 99 -19.34 4.59 -2.73
CA GLY B 99 -20.54 4.45 -3.53
C GLY B 99 -20.62 5.52 -4.61
N GLY B 100 -20.84 5.10 -5.85
CA GLY B 100 -20.76 6.04 -6.95
C GLY B 100 -21.88 7.05 -6.96
N THR B 101 -21.65 8.13 -7.70
CA THR B 101 -22.61 9.20 -7.88
C THR B 101 -23.09 9.21 -9.32
N LYS B 102 -24.39 9.04 -9.52
CA LYS B 102 -24.97 8.98 -10.85
C LYS B 102 -25.35 10.39 -11.30
N VAL B 103 -24.70 10.86 -12.35
CA VAL B 103 -24.94 12.19 -12.90
C VAL B 103 -25.95 12.06 -14.04
N GLU B 104 -27.02 12.85 -13.98
CA GLU B 104 -28.08 12.79 -14.97
C GLU B 104 -28.29 14.17 -15.60
N ILE B 105 -28.81 14.15 -16.83
CA ILE B 105 -29.08 15.37 -17.58
C ILE B 105 -30.55 15.72 -17.42
N LYS B 106 -30.83 16.98 -17.10
CA LYS B 106 -32.20 17.44 -16.90
C LYS B 106 -32.67 18.28 -18.08
N VAL C 1 27.04 -11.37 47.49
CA VAL C 1 27.16 -11.32 46.04
C VAL C 1 27.66 -9.95 45.58
N ARG C 2 28.86 -9.92 45.00
CA ARG C 2 29.47 -8.68 44.54
C ARG C 2 30.03 -8.88 43.14
N PHE C 3 29.88 -7.85 42.31
CA PHE C 3 30.28 -7.86 40.91
C PHE C 3 31.05 -6.58 40.61
N PRO C 4 31.80 -6.56 39.50
CA PRO C 4 32.48 -5.31 39.11
C PRO C 4 31.48 -4.21 38.79
N ASN C 5 32.01 -2.99 38.71
CA ASN C 5 31.18 -1.81 38.53
C ASN C 5 30.49 -1.81 37.17
N ILE C 6 29.34 -1.17 37.10
CA ILE C 6 28.60 -1.01 35.86
C ILE C 6 29.06 0.30 35.23
N THR C 7 29.84 0.20 34.15
CA THR C 7 30.52 1.37 33.59
C THR C 7 30.04 1.72 32.19
N ASN C 8 30.10 0.79 31.24
CA ASN C 8 29.91 1.10 29.83
C ASN C 8 28.49 0.75 29.39
N LEU C 9 27.57 1.68 29.61
CA LEU C 9 26.20 1.49 29.17
C LEU C 9 26.10 1.58 27.65
N CYS C 10 25.26 0.72 27.08
CA CYS C 10 25.04 0.76 25.64
C CYS C 10 24.27 2.02 25.25
N PRO C 11 24.50 2.55 24.05
CA PRO C 11 23.86 3.82 23.64
C PRO C 11 22.47 3.61 23.03
N PHE C 12 21.55 3.08 23.84
CA PHE C 12 20.16 2.99 23.42
C PHE C 12 19.46 4.34 23.43
N HIS C 13 19.93 5.27 24.25
CA HIS C 13 19.33 6.61 24.27
C HIS C 13 19.58 7.35 22.95
N GLU C 14 20.71 7.08 22.29
CA GLU C 14 20.96 7.68 20.99
C GLU C 14 20.13 7.04 19.89
N VAL C 15 19.90 5.72 19.98
CA VAL C 15 19.07 5.04 18.99
C VAL C 15 17.62 5.49 19.12
N PHE C 16 17.12 5.60 20.34
CA PHE C 16 15.71 5.94 20.53
C PHE C 16 15.47 7.44 20.48
N ASN C 17 16.14 8.20 21.35
CA ASN C 17 15.96 9.65 21.42
C ASN C 17 16.91 10.34 20.43
N ALA C 18 16.65 10.12 19.16
CA ALA C 18 17.39 10.75 18.09
C ALA C 18 16.59 11.94 17.53
N THR C 19 17.33 12.95 17.07
CA THR C 19 16.68 14.14 16.52
C THR C 19 15.90 13.81 15.25
N THR C 20 16.49 13.00 14.36
CA THR C 20 15.84 12.60 13.12
C THR C 20 16.15 11.14 12.83
N PHE C 21 15.15 10.42 12.33
CA PHE C 21 15.31 9.03 11.93
C PHE C 21 15.47 8.92 10.42
N ALA C 22 15.87 7.74 9.99
CA ALA C 22 16.14 7.49 8.59
C ALA C 22 14.88 7.06 7.84
N SER C 23 14.91 7.19 6.53
CA SER C 23 13.80 6.76 5.70
C SER C 23 13.71 5.23 5.68
N VAL C 24 12.56 4.72 5.25
CA VAL C 24 12.30 3.29 5.34
C VAL C 24 13.22 2.52 4.40
N TYR C 25 13.33 2.97 3.14
CA TYR C 25 14.16 2.26 2.17
C TYR C 25 15.64 2.29 2.58
N ALA C 26 16.13 3.45 3.02
CA ALA C 26 17.48 3.57 3.56
C ALA C 26 17.38 3.64 5.08
N TRP C 27 17.10 2.50 5.69
CA TRP C 27 16.99 2.44 7.14
C TRP C 27 18.38 2.57 7.77
N ASN C 28 18.40 2.87 9.07
CA ASN C 28 19.66 3.14 9.78
C ASN C 28 19.99 1.96 10.67
N ARG C 29 21.12 1.30 10.41
CA ARG C 29 21.58 0.17 11.20
C ARG C 29 22.75 0.61 12.06
N LYS C 30 22.63 0.41 13.37
CA LYS C 30 23.69 0.70 14.34
C LYS C 30 24.11 -0.59 15.01
N ARG C 31 25.42 -0.83 15.08
CA ARG C 31 25.96 -2.02 15.71
C ARG C 31 26.26 -1.74 17.18
N ILE C 32 26.04 -2.76 18.01
CA ILE C 32 26.34 -2.73 19.43
C ILE C 32 27.15 -3.97 19.75
N SER C 33 28.40 -3.78 20.17
CA SER C 33 29.31 -4.89 20.39
C SER C 33 29.78 -5.00 21.84
N ASN C 34 30.34 -3.93 22.41
CA ASN C 34 31.02 -4.01 23.71
C ASN C 34 30.42 -2.99 24.67
N CYS C 35 29.39 -3.41 25.41
CA CYS C 35 28.79 -2.61 26.46
C CYS C 35 27.81 -3.47 27.23
N VAL C 36 27.55 -3.11 28.48
CA VAL C 36 26.47 -3.72 29.24
C VAL C 36 25.15 -3.12 28.75
N ALA C 37 24.23 -4.00 28.37
CA ALA C 37 22.98 -3.58 27.74
C ALA C 37 21.93 -3.37 28.82
N ASP C 38 21.53 -2.11 29.01
CA ASP C 38 20.43 -1.76 29.89
C ASP C 38 19.18 -1.63 29.03
N TYR C 39 18.34 -2.66 29.05
CA TYR C 39 17.06 -2.62 28.34
C TYR C 39 15.96 -1.97 29.17
N SER C 40 16.26 -1.55 30.40
CA SER C 40 15.30 -0.85 31.22
C SER C 40 15.17 0.62 30.87
N VAL C 41 16.10 1.18 30.09
CA VAL C 41 15.96 2.57 29.66
C VAL C 41 15.01 2.69 28.48
N ILE C 42 14.72 1.59 27.78
CA ILE C 42 13.73 1.63 26.71
C ILE C 42 12.37 1.99 27.26
N TYR C 43 11.97 1.37 28.37
CA TYR C 43 10.68 1.64 28.97
C TYR C 43 10.57 3.07 29.51
N ASN C 44 11.70 3.76 29.68
CA ASN C 44 11.68 5.14 30.13
C ASN C 44 11.14 6.10 29.08
N PHE C 45 10.97 5.65 27.84
CA PHE C 45 10.48 6.50 26.77
C PHE C 45 8.96 6.50 26.74
N ALA C 46 8.39 7.03 25.67
CA ALA C 46 6.94 7.14 25.54
C ALA C 46 6.29 5.77 25.49
N PRO C 47 5.03 5.65 25.90
CA PRO C 47 4.32 4.37 25.78
C PRO C 47 4.25 3.92 24.32
N PHE C 48 4.66 2.68 24.09
CA PHE C 48 4.85 2.18 22.74
C PHE C 48 3.54 1.67 22.16
N PHE C 49 3.35 1.93 20.86
CA PHE C 49 2.22 1.32 20.14
C PHE C 49 2.43 -0.18 19.99
N ALA C 50 3.66 -0.62 19.75
CA ALA C 50 3.95 -2.03 19.58
C ALA C 50 5.28 -2.37 20.23
N PHE C 51 5.28 -3.36 21.11
CA PHE C 51 6.50 -3.92 21.71
C PHE C 51 6.39 -5.44 21.57
N LYS C 52 6.86 -5.98 20.46
CA LYS C 52 6.71 -7.40 20.17
C LYS C 52 8.08 -8.05 20.05
N CYS C 53 8.35 -9.04 20.91
CA CYS C 53 9.61 -9.75 20.90
C CYS C 53 9.41 -11.17 20.40
N TYR C 54 10.25 -11.58 19.45
CA TYR C 54 10.21 -12.92 18.87
C TYR C 54 11.51 -13.62 19.17
N GLY C 55 11.43 -14.84 19.70
CA GLY C 55 12.61 -15.63 19.96
C GLY C 55 13.08 -15.61 21.39
N VAL C 56 13.02 -14.45 22.04
CA VAL C 56 13.48 -14.28 23.41
C VAL C 56 12.38 -13.67 24.25
N SER C 57 12.46 -13.90 25.56
CA SER C 57 11.48 -13.37 26.49
C SER C 57 11.71 -11.88 26.71
N PRO C 58 10.65 -11.07 26.68
CA PRO C 58 10.82 -9.63 26.92
C PRO C 58 11.37 -9.31 28.31
N THR C 59 11.07 -10.12 29.31
CA THR C 59 11.51 -9.87 30.67
C THR C 59 12.80 -10.58 31.03
N LYS C 60 13.40 -11.31 30.10
CA LYS C 60 14.65 -12.03 30.34
C LYS C 60 15.77 -11.49 29.46
N LEU C 61 15.64 -10.25 29.00
CA LEU C 61 16.66 -9.66 28.13
C LEU C 61 17.98 -9.46 28.86
N ASN C 62 17.93 -9.08 30.14
CA ASN C 62 19.15 -8.86 30.92
C ASN C 62 19.83 -10.16 31.32
N ASP C 63 19.16 -11.30 31.18
CA ASP C 63 19.73 -12.59 31.54
C ASP C 63 20.41 -13.29 30.38
N LEU C 64 20.50 -12.65 29.22
CA LEU C 64 21.09 -13.24 28.03
C LEU C 64 22.33 -12.46 27.62
N CYS C 65 23.23 -13.15 26.92
CA CYS C 65 24.44 -12.55 26.38
C CYS C 65 24.51 -12.84 24.88
N PHE C 66 24.74 -11.81 24.08
CA PHE C 66 24.78 -11.94 22.63
C PHE C 66 26.09 -11.36 22.10
N THR C 67 26.53 -11.89 20.96
CA THR C 67 27.76 -11.42 20.36
C THR C 67 27.60 -10.02 19.76
N ASN C 68 26.47 -9.77 19.09
CA ASN C 68 26.21 -8.49 18.48
C ASN C 68 24.73 -8.14 18.63
N VAL C 69 24.45 -6.85 18.73
CA VAL C 69 23.08 -6.34 18.76
C VAL C 69 22.94 -5.28 17.68
N TYR C 70 22.10 -5.55 16.69
CA TYR C 70 21.85 -4.60 15.62
C TYR C 70 20.57 -3.83 15.91
N ALA C 71 20.63 -2.50 15.75
CA ALA C 71 19.47 -1.64 15.95
C ALA C 71 19.14 -1.00 14.62
N ASP C 72 18.02 -1.42 14.02
CA ASP C 72 17.54 -0.83 12.79
C ASP C 72 16.45 0.18 13.11
N SER C 73 16.57 1.38 12.54
CA SER C 73 15.66 2.47 12.86
C SER C 73 15.10 3.05 11.57
N PHE C 74 13.81 3.33 11.58
CA PHE C 74 13.14 4.00 10.47
C PHE C 74 11.82 4.57 10.96
N VAL C 75 11.10 5.23 10.05
CA VAL C 75 9.81 5.83 10.35
C VAL C 75 8.80 5.38 9.30
N ILE C 76 7.75 4.68 9.74
CA ILE C 76 6.73 4.18 8.82
C ILE C 76 5.38 4.77 9.21
N ARG C 77 4.34 4.40 8.47
CA ARG C 77 2.99 4.85 8.78
C ARG C 77 2.39 3.97 9.89
N GLY C 78 1.19 4.36 10.35
CA GLY C 78 0.53 3.60 11.39
C GLY C 78 -0.06 2.28 10.93
N ASN C 79 -0.37 2.16 9.64
CA ASN C 79 -0.94 0.93 9.09
C ASN C 79 0.13 -0.01 8.54
N GLU C 80 1.40 0.36 8.63
CA GLU C 80 2.49 -0.50 8.17
C GLU C 80 3.29 -1.10 9.31
N VAL C 81 2.90 -0.85 10.56
CA VAL C 81 3.61 -1.42 11.70
C VAL C 81 3.39 -2.93 11.76
N SER C 82 2.24 -3.40 11.26
CA SER C 82 1.98 -4.83 11.23
C SER C 82 2.89 -5.58 10.27
N GLN C 83 3.50 -4.87 9.32
CA GLN C 83 4.39 -5.50 8.35
C GLN C 83 5.80 -5.73 8.88
N ILE C 84 6.15 -5.11 10.01
CA ILE C 84 7.48 -5.34 10.62
C ILE C 84 7.30 -6.52 11.56
N ALA C 85 7.38 -7.72 10.99
CA ALA C 85 7.17 -8.97 11.70
C ALA C 85 7.65 -10.13 10.83
N PRO C 86 8.05 -11.26 11.42
CA PRO C 86 8.50 -12.40 10.61
C PRO C 86 7.36 -12.96 9.77
N GLY C 87 7.62 -13.12 8.48
CA GLY C 87 6.66 -13.72 7.58
C GLY C 87 5.47 -12.82 7.25
N GLN C 88 5.74 -11.64 6.70
CA GLN C 88 4.70 -10.69 6.34
C GLN C 88 4.90 -10.23 4.91
N THR C 89 3.79 -9.88 4.26
CA THR C 89 3.79 -9.38 2.90
C THR C 89 3.11 -8.03 2.84
N GLY C 90 3.62 -7.17 1.96
CA GLY C 90 3.07 -5.84 1.80
C GLY C 90 4.04 -4.93 1.08
N ASN C 91 3.80 -3.62 1.22
CA ASN C 91 4.66 -2.64 0.56
C ASN C 91 6.01 -2.51 1.26
N ILE C 92 6.02 -2.60 2.58
CA ILE C 92 7.25 -2.44 3.34
C ILE C 92 8.00 -3.76 3.49
N ALA C 93 7.29 -4.84 3.82
CA ALA C 93 7.93 -6.12 4.08
C ALA C 93 8.50 -6.77 2.84
N ASP C 94 8.17 -6.27 1.64
CA ASP C 94 8.64 -6.87 0.40
C ASP C 94 9.64 -6.02 -0.36
N TYR C 95 9.55 -4.69 -0.26
CA TYR C 95 10.40 -3.81 -1.05
C TYR C 95 11.30 -2.89 -0.22
N ASN C 96 11.06 -2.78 1.08
CA ASN C 96 11.83 -1.84 1.90
C ASN C 96 12.61 -2.51 3.01
N TYR C 97 11.97 -3.32 3.84
CA TYR C 97 12.62 -3.89 5.02
C TYR C 97 11.98 -5.24 5.31
N LYS C 98 12.75 -6.32 5.16
CA LYS C 98 12.26 -7.67 5.31
C LYS C 98 12.95 -8.36 6.48
N LEU C 99 12.15 -8.91 7.39
CA LEU C 99 12.66 -9.69 8.51
C LEU C 99 12.63 -11.18 8.19
N PRO C 100 13.60 -11.95 8.69
CA PRO C 100 13.62 -13.39 8.40
C PRO C 100 12.49 -14.11 9.12
N ASP C 101 12.15 -15.29 8.59
CA ASP C 101 11.11 -16.10 9.19
C ASP C 101 11.48 -16.53 10.60
N ASP C 102 12.73 -16.93 10.81
CA ASP C 102 13.24 -17.28 12.14
C ASP C 102 14.03 -16.08 12.66
N PHE C 103 13.30 -15.13 13.24
CA PHE C 103 13.87 -13.86 13.69
C PHE C 103 13.97 -13.85 15.22
N THR C 104 15.12 -13.45 15.72
CA THR C 104 15.36 -13.32 17.16
C THR C 104 15.61 -11.84 17.46
N GLY C 105 14.68 -11.21 18.15
CA GLY C 105 14.82 -9.81 18.47
C GLY C 105 13.53 -9.22 18.99
N CYS C 106 13.46 -7.89 18.96
CA CYS C 106 12.31 -7.15 19.46
C CYS C 106 12.03 -5.97 18.54
N VAL C 107 10.76 -5.75 18.23
CA VAL C 107 10.30 -4.62 17.44
C VAL C 107 9.57 -3.66 18.35
N ILE C 108 9.99 -2.40 18.35
CA ILE C 108 9.42 -1.36 19.20
C ILE C 108 9.03 -0.20 18.29
N ALA C 109 7.73 0.09 18.24
CA ALA C 109 7.20 1.16 17.39
C ALA C 109 6.30 2.06 18.21
N TRP C 110 6.53 3.37 18.10
CA TRP C 110 5.76 4.34 18.87
C TRP C 110 5.40 5.55 18.02
N ASN C 111 4.31 6.23 18.41
CA ASN C 111 3.81 7.38 17.69
C ASN C 111 4.74 8.58 17.83
N SER C 112 4.89 9.33 16.74
CA SER C 112 5.69 10.55 16.72
C SER C 112 5.01 11.65 15.91
N ASN C 113 3.71 11.84 16.12
CA ASN C 113 3.01 12.93 15.46
C ASN C 113 3.54 14.29 15.90
N LYS C 114 4.06 14.37 17.12
CA LYS C 114 4.58 15.64 17.63
C LYS C 114 5.88 16.04 16.94
N LEU C 115 6.73 15.05 16.64
CA LEU C 115 8.07 15.32 16.12
C LEU C 115 8.12 15.30 14.59
N ASP C 116 7.72 14.19 13.98
CA ASP C 116 7.91 13.97 12.55
C ASP C 116 6.71 14.43 11.71
N SER C 117 5.96 15.42 12.19
CA SER C 117 4.82 15.93 11.44
C SER C 117 4.85 17.45 11.44
N LYS C 118 4.59 18.05 10.28
CA LYS C 118 4.56 19.49 10.12
C LYS C 118 3.19 19.92 9.61
N PRO C 119 2.70 21.10 10.01
CA PRO C 119 1.37 21.54 9.55
C PRO C 119 1.29 21.69 8.04
N SER C 120 2.38 22.07 7.38
CA SER C 120 2.39 22.23 5.94
C SER C 120 2.79 20.96 5.19
N GLY C 121 3.19 19.90 5.92
CA GLY C 121 3.60 18.67 5.29
C GLY C 121 5.08 18.40 5.43
N ASN C 122 5.43 17.26 6.02
CA ASN C 122 6.82 16.87 6.24
C ASN C 122 7.24 15.98 5.08
N TYR C 123 7.67 16.61 3.98
CA TYR C 123 8.07 15.89 2.78
C TYR C 123 9.57 15.54 2.82
N ASN C 124 9.92 14.73 3.82
CA ASN C 124 11.31 14.28 3.96
C ASN C 124 11.45 12.77 4.01
N TYR C 125 10.53 12.08 4.69
CA TYR C 125 10.61 10.63 4.79
C TYR C 125 10.11 9.99 3.51
N LEU C 126 10.86 9.00 3.02
CA LEU C 126 10.59 8.38 1.73
C LEU C 126 10.42 6.87 1.90
N TYR C 127 9.70 6.27 0.95
CA TYR C 127 9.55 4.83 0.90
C TYR C 127 9.45 4.40 -0.56
N ARG C 128 9.84 3.15 -0.81
CA ARG C 128 9.90 2.61 -2.16
C ARG C 128 8.68 1.74 -2.41
N PHE C 129 7.95 2.04 -3.48
CA PHE C 129 6.73 1.32 -3.83
C PHE C 129 6.83 0.54 -5.13
N LEU C 130 7.94 0.63 -5.86
CA LEU C 130 8.13 -0.09 -7.11
C LEU C 130 9.42 -0.90 -7.04
N ARG C 131 9.31 -2.21 -7.25
CA ARG C 131 10.47 -3.08 -7.32
C ARG C 131 10.12 -4.30 -8.14
N LYS C 132 11.15 -4.96 -8.66
CA LYS C 132 10.98 -6.12 -9.54
C LYS C 132 11.14 -7.45 -8.83
N SER C 133 11.52 -7.44 -7.55
CA SER C 133 11.70 -8.68 -6.80
C SER C 133 11.65 -8.38 -5.32
N LYS C 134 11.20 -9.35 -4.55
CA LYS C 134 11.13 -9.19 -3.10
C LYS C 134 12.53 -9.18 -2.50
N LEU C 135 12.68 -8.35 -1.47
CA LEU C 135 13.98 -8.20 -0.82
C LEU C 135 14.32 -9.42 0.03
N LYS C 136 15.61 -9.76 0.04
CA LYS C 136 16.11 -10.77 0.96
C LYS C 136 16.13 -10.19 2.37
N PRO C 137 16.07 -11.04 3.39
CA PRO C 137 16.08 -10.54 4.78
C PRO C 137 17.33 -9.70 5.06
N PHE C 138 17.10 -8.57 5.74
CA PHE C 138 18.17 -7.65 6.12
C PHE C 138 19.01 -7.22 4.93
N GLU C 139 18.34 -6.90 3.82
CA GLU C 139 19.01 -6.40 2.63
C GLU C 139 18.47 -5.01 2.31
N ARG C 140 19.36 -4.05 2.15
CA ARG C 140 18.98 -2.69 1.81
C ARG C 140 18.94 -2.52 0.29
N ASP C 141 18.30 -1.43 -0.14
CA ASP C 141 18.26 -1.09 -1.55
C ASP C 141 18.10 0.43 -1.64
N ILE C 142 19.21 1.13 -1.87
CA ILE C 142 19.19 2.57 -2.06
C ILE C 142 19.49 2.84 -3.53
N SER C 143 18.46 3.25 -4.26
CA SER C 143 18.59 3.49 -5.70
C SER C 143 17.51 4.47 -6.13
N THR C 144 17.83 5.25 -7.16
CA THR C 144 16.92 6.24 -7.72
C THR C 144 16.84 6.07 -9.23
N GLU C 145 17.05 4.84 -9.71
CA GLU C 145 16.91 4.54 -11.12
C GLU C 145 15.44 4.46 -11.49
N ILE C 146 15.08 5.06 -12.62
CA ILE C 146 13.69 5.18 -13.01
C ILE C 146 13.12 3.80 -13.31
N TYR C 147 12.08 3.42 -12.58
CA TYR C 147 11.43 2.14 -12.80
C TYR C 147 10.77 2.10 -14.17
N GLN C 148 10.77 0.92 -14.78
CA GLN C 148 10.18 0.70 -16.10
C GLN C 148 8.97 -0.21 -15.96
N VAL C 149 7.83 0.24 -16.49
CA VAL C 149 6.60 -0.54 -16.40
C VAL C 149 6.04 -0.93 -17.76
N GLY C 150 6.45 -0.26 -18.84
CA GLY C 150 6.00 -0.60 -20.18
C GLY C 150 7.04 -1.40 -20.95
N ASN C 151 6.67 -1.75 -22.18
CA ASN C 151 7.59 -2.49 -23.04
C ASN C 151 8.70 -1.60 -23.59
N LYS C 152 8.43 -0.30 -23.73
CA LYS C 152 9.44 0.61 -24.26
C LYS C 152 10.60 0.74 -23.27
N PRO C 153 11.83 0.73 -23.75
CA PRO C 153 12.97 0.92 -22.84
C PRO C 153 12.97 2.33 -22.28
N CYS C 154 13.45 2.45 -21.05
CA CYS C 154 13.41 3.70 -20.29
C CYS C 154 14.86 4.10 -20.03
N ASN C 155 15.30 5.17 -20.67
CA ASN C 155 16.73 5.50 -20.68
C ASN C 155 17.23 5.95 -19.32
N GLY C 156 16.37 6.60 -18.53
CA GLY C 156 16.78 7.13 -17.25
C GLY C 156 16.14 8.47 -16.96
N VAL C 157 15.34 8.95 -17.90
CA VAL C 157 14.58 10.19 -17.75
C VAL C 157 13.12 9.83 -17.54
N ALA C 158 12.49 10.50 -16.59
CA ALA C 158 11.10 10.21 -16.27
C ALA C 158 10.18 10.63 -17.42
N GLY C 159 9.03 9.98 -17.50
CA GLY C 159 8.07 10.23 -18.54
C GLY C 159 6.95 9.21 -18.52
N PRO C 160 6.27 9.04 -19.66
CA PRO C 160 5.22 8.03 -19.75
C PRO C 160 5.80 6.64 -19.54
N ASN C 161 5.15 5.87 -18.64
CA ASN C 161 5.62 4.54 -18.26
C ASN C 161 7.06 4.58 -17.75
N CYS C 162 7.39 5.65 -17.01
CA CYS C 162 8.71 5.78 -16.41
C CYS C 162 8.52 6.56 -15.11
N TYR C 163 8.58 5.87 -13.98
CA TYR C 163 8.25 6.47 -12.69
C TYR C 163 9.38 6.26 -11.70
N SER C 164 9.59 7.25 -10.85
CA SER C 164 10.55 7.12 -9.77
C SER C 164 10.01 6.13 -8.74
N PRO C 165 10.82 5.18 -8.27
CA PRO C 165 10.31 4.15 -7.36
C PRO C 165 10.10 4.60 -5.93
N LEU C 166 10.28 5.88 -5.63
CA LEU C 166 10.18 6.38 -4.26
C LEU C 166 9.12 7.47 -4.19
N GLN C 167 8.34 7.45 -3.12
CA GLN C 167 7.42 8.52 -2.77
C GLN C 167 7.62 8.92 -1.31
N SER C 168 6.88 9.94 -0.88
CA SER C 168 7.07 10.52 0.43
C SER C 168 5.78 10.47 1.24
N TYR C 169 5.91 10.18 2.53
CA TYR C 169 4.81 10.37 3.47
C TYR C 169 4.69 11.86 3.73
N GLY C 170 3.63 12.47 3.20
CA GLY C 170 3.39 13.86 3.47
C GLY C 170 2.77 14.05 4.85
N PHE C 171 3.57 13.77 5.89
CA PHE C 171 3.05 13.71 7.25
C PHE C 171 2.45 15.04 7.67
N ARG C 172 1.24 14.98 8.20
CA ARG C 172 0.51 16.16 8.64
C ARG C 172 -0.19 15.84 9.95
N PRO C 173 -0.38 16.84 10.82
CA PRO C 173 -1.02 16.57 12.12
C PRO C 173 -2.51 16.32 12.04
N THR C 174 -3.13 16.51 10.87
CA THR C 174 -4.56 16.30 10.70
C THR C 174 -4.87 14.93 10.12
N TYR C 175 -3.88 14.07 9.93
CA TYR C 175 -4.11 12.74 9.39
C TYR C 175 -4.68 11.82 10.47
N GLY C 176 -5.14 10.66 10.04
CA GLY C 176 -5.61 9.65 10.96
C GLY C 176 -4.46 8.84 11.54
N VAL C 177 -4.80 7.99 12.51
CA VAL C 177 -3.79 7.22 13.23
C VAL C 177 -3.03 6.30 12.28
N GLY C 178 -3.72 5.79 11.25
CA GLY C 178 -3.08 4.89 10.30
C GLY C 178 -2.06 5.55 9.40
N HIS C 179 -2.01 6.87 9.36
CA HIS C 179 -1.05 7.58 8.52
C HIS C 179 -0.16 8.52 9.31
N GLN C 180 -0.17 8.44 10.64
CA GLN C 180 0.73 9.25 11.45
C GLN C 180 2.15 8.70 11.37
N PRO C 181 3.15 9.53 11.67
CA PRO C 181 4.52 9.02 11.77
C PRO C 181 4.64 8.00 12.91
N TYR C 182 5.44 6.97 12.67
CA TYR C 182 5.63 5.90 13.65
C TYR C 182 7.11 5.51 13.62
N ARG C 183 7.82 5.80 14.71
CA ARG C 183 9.22 5.44 14.80
C ARG C 183 9.34 3.97 15.18
N VAL C 184 10.14 3.23 14.41
CA VAL C 184 10.29 1.79 14.58
C VAL C 184 11.77 1.49 14.76
N VAL C 185 12.09 0.79 15.84
CA VAL C 185 13.43 0.28 16.13
C VAL C 185 13.32 -1.24 16.28
N VAL C 186 14.12 -1.95 15.50
CA VAL C 186 14.18 -3.41 15.52
C VAL C 186 15.54 -3.80 16.06
N LEU C 187 15.55 -4.50 17.19
CA LEU C 187 16.77 -4.99 17.81
C LEU C 187 16.92 -6.46 17.46
N SER C 188 18.01 -6.79 16.77
CA SER C 188 18.33 -8.16 16.36
C SER C 188 19.53 -8.64 17.15
N PHE C 189 19.42 -9.85 17.70
CA PHE C 189 20.44 -10.41 18.57
C PHE C 189 21.16 -11.54 17.84
N GLU C 190 22.49 -11.42 17.72
CA GLU C 190 23.29 -12.43 17.03
C GLU C 190 24.00 -13.31 18.05
N LEU C 191 24.24 -14.55 17.66
CA LEU C 191 24.88 -15.55 18.51
C LEU C 191 25.97 -16.28 17.73
N LEU C 192 26.84 -15.50 17.09
CA LEU C 192 27.88 -16.06 16.24
C LEU C 192 28.95 -16.74 17.09
N HIS C 193 29.98 -17.25 16.42
CA HIS C 193 31.05 -17.99 17.09
C HIS C 193 31.90 -17.09 17.98
N ALA C 194 31.85 -15.78 17.79
CA ALA C 194 32.63 -14.88 18.63
C ALA C 194 32.09 -14.90 20.06
N PRO C 195 32.93 -14.59 21.04
CA PRO C 195 32.46 -14.56 22.43
C PRO C 195 31.35 -13.53 22.62
N ALA C 196 30.38 -13.88 23.47
CA ALA C 196 29.26 -13.00 23.75
C ALA C 196 29.74 -11.80 24.56
N THR C 197 29.74 -10.62 23.94
CA THR C 197 30.27 -9.42 24.57
C THR C 197 29.20 -8.43 25.02
N VAL C 198 27.99 -8.51 24.49
CA VAL C 198 26.87 -7.71 24.98
C VAL C 198 26.20 -8.49 26.10
N CYS C 199 26.30 -7.97 27.32
CA CYS C 199 25.78 -8.63 28.51
C CYS C 199 24.70 -7.76 29.15
N GLY C 200 24.26 -8.15 30.34
CA GLY C 200 23.28 -7.39 31.08
C GLY C 200 23.66 -7.24 32.54
N PRO C 201 23.34 -6.09 33.14
CA PRO C 201 23.62 -5.83 34.54
C PRO C 201 22.67 -6.59 35.48
C1 NAG D . 33.06 1.39 41.75
C2 NAG D . 34.48 1.91 42.03
C3 NAG D . 34.52 2.48 43.44
C4 NAG D . 33.44 3.52 43.63
C5 NAG D . 32.09 2.93 43.24
C6 NAG D . 30.93 3.90 43.35
C7 NAG D . 36.37 0.86 40.86
C8 NAG D . 37.30 -0.32 40.86
N2 NAG D . 35.46 0.87 41.85
O3 NAG D . 35.81 3.01 43.65
O4 NAG D . 33.46 3.91 44.99
O5 NAG D . 32.14 2.45 41.92
O6 NAG D . 31.19 5.04 42.58
O7 NAG D . 36.45 1.73 40.00
#